data_1YHT
#
_entry.id   1YHT
#
_cell.length_a   41.023
_cell.length_b   86.129
_cell.length_c   185.774
_cell.angle_alpha   90.00
_cell.angle_beta   90.00
_cell.angle_gamma   90.00
#
_symmetry.space_group_name_H-M   'C 2 2 21'
#
loop_
_entity.id
_entity.type
_entity.pdbx_description
1 polymer DspB
2 non-polymer 'ACETIC ACID'
3 non-polymer GLYCEROL
4 water water
#
_entity_poly.entity_id   1
_entity_poly.type   'polypeptide(L)'
_entity_poly.pdbx_seq_one_letter_code
;NCCVKGNSIYPQKTSTKQTGLMLDIARHFYSPEVIKSFIDTISLSGGNFLHLHFSDHENYAIESHLLNQRAENAVQGKDG
IYINPYTGKPFLSYRQLDDIKAYAKAKGIELIPELDSPNHMTAIFKLVQKDRGVKYLQGLKSRQVDDEIDITNADSITFM
QSLMSEVIDIFGDTSQHFHIGGDEFGYSVESNHEFITYANKLSYFLEKKGLKTRMWNDGLIKNTFEQINPNIEITYWSYD
GDTQDKNEAAERRDMRVSLPELLAKGFTVLNYNSYYLYIVPKASPTFSQDAAFAAKDVIKNWDLGVWDGRNTKNRVQNTH
EIAGAALSIWGEDAKALKDETIQKNTKSLLEAVIHKTNGDEHHHHHH
;
_entity_poly.pdbx_strand_id   A
#
# COMPACT_ATOMS: atom_id res chain seq x y z
N THR A 16 -0.65 22.48 1.41
CA THR A 16 0.16 21.88 0.29
C THR A 16 0.41 20.39 0.50
N LYS A 17 -0.24 19.59 -0.34
CA LYS A 17 -0.62 18.26 0.05
C LYS A 17 0.19 17.18 -0.61
N GLN A 18 0.22 16.02 0.04
CA GLN A 18 0.79 14.84 -0.53
C GLN A 18 -0.36 14.09 -1.13
N THR A 19 -0.34 13.95 -2.45
CA THR A 19 -1.45 13.30 -3.12
C THR A 19 -0.95 12.48 -4.30
N GLY A 20 -1.65 11.38 -4.54
CA GLY A 20 -1.27 10.46 -5.62
C GLY A 20 -2.09 9.22 -5.71
N LEU A 21 -1.41 8.16 -6.13
CA LEU A 21 -2.01 6.89 -6.45
C LEU A 21 -1.35 5.81 -5.62
N MET A 22 -2.17 4.94 -5.09
CA MET A 22 -1.67 3.65 -4.62
C MET A 22 -2.03 2.61 -5.67
N LEU A 23 -1.03 1.94 -6.19
CA LEU A 23 -1.25 1.01 -7.27
C LEU A 23 -0.86 -0.36 -6.75
N ASP A 24 -1.84 -1.27 -6.77
CA ASP A 24 -1.62 -2.65 -6.33
C ASP A 24 -1.18 -3.45 -7.56
N ILE A 25 0.12 -3.67 -7.62
CA ILE A 25 0.70 -4.45 -8.68
C ILE A 25 0.92 -5.89 -8.24
N ALA A 26 0.52 -6.24 -7.01
CA ALA A 26 0.66 -7.61 -6.53
C ALA A 26 -0.46 -8.49 -7.02
N ARG A 27 -1.68 -7.98 -7.01
CA ARG A 27 -2.87 -8.70 -7.47
C ARG A 27 -3.10 -8.61 -9.00
N HIS A 28 -2.60 -7.55 -9.62
CA HIS A 28 -2.70 -7.37 -11.07
C HIS A 28 -1.43 -6.64 -11.57
N PHE A 29 -0.76 -7.16 -12.59
CA PHE A 29 0.53 -6.60 -13.00
C PHE A 29 0.32 -5.50 -13.99
N TYR A 30 1.19 -4.49 -13.98
CA TYR A 30 1.15 -3.39 -14.94
C TYR A 30 2.52 -3.20 -15.60
N SER A 31 2.49 -3.07 -16.90
CA SER A 31 3.68 -2.89 -17.70
C SER A 31 4.40 -1.58 -17.34
N PRO A 32 5.71 -1.52 -17.48
CA PRO A 32 6.38 -0.22 -17.33
C PRO A 32 5.72 0.95 -18.08
N GLU A 33 5.30 0.70 -19.32
CA GLU A 33 4.61 1.72 -20.12
C GLU A 33 3.36 2.27 -19.43
N VAL A 34 2.53 1.39 -18.92
CA VAL A 34 1.30 1.76 -18.24
C VAL A 34 1.60 2.43 -16.90
N ILE A 35 2.61 1.95 -16.18
CA ILE A 35 3.03 2.61 -14.94
C ILE A 35 3.46 4.05 -15.21
N LYS A 36 4.21 4.26 -16.28
CA LYS A 36 4.57 5.60 -16.72
C LYS A 36 3.35 6.48 -17.08
N SER A 37 2.30 5.88 -17.68
CA SER A 37 1.08 6.62 -17.93
C SER A 37 0.37 7.08 -16.64
N PHE A 38 0.33 6.21 -15.62
CA PHE A 38 -0.19 6.59 -14.31
C PHE A 38 0.62 7.76 -13.75
N ILE A 39 1.95 7.68 -13.88
CA ILE A 39 2.82 8.77 -13.46
C ILE A 39 2.48 10.11 -14.20
N ASP A 40 2.17 10.02 -15.49
CA ASP A 40 1.79 11.21 -16.28
C ASP A 40 0.54 11.83 -15.70
N THR A 41 -0.45 11.02 -15.42
CA THR A 41 -1.70 11.52 -14.82
C THR A 41 -1.44 12.19 -13.47
N ILE A 42 -0.64 11.54 -12.60
CA ILE A 42 -0.37 12.06 -11.28
C ILE A 42 0.28 13.46 -11.46
N SER A 43 1.29 13.51 -12.33
CA SER A 43 2.10 14.68 -12.54
C SER A 43 1.30 15.84 -13.12
N LEU A 44 0.59 15.56 -14.23
CA LEU A 44 -0.22 16.55 -14.89
C LEU A 44 -1.38 17.04 -14.06
N SER A 45 -1.87 16.22 -13.12
CA SER A 45 -2.98 16.66 -12.25
C SER A 45 -2.47 17.48 -11.05
N GLY A 46 -1.14 17.54 -10.87
CA GLY A 46 -0.54 18.26 -9.74
C GLY A 46 -0.31 17.41 -8.50
N GLY A 47 -0.31 16.09 -8.68
CA GLY A 47 0.00 15.16 -7.57
C GLY A 47 1.49 14.99 -7.40
N ASN A 48 1.89 14.20 -6.40
CA ASN A 48 3.31 14.04 -6.14
C ASN A 48 3.82 12.67 -5.66
N PHE A 49 2.96 11.65 -5.60
CA PHE A 49 3.44 10.33 -5.25
C PHE A 49 2.72 9.18 -5.92
N LEU A 50 3.49 8.10 -6.05
CA LEU A 50 2.99 6.77 -6.45
C LEU A 50 3.41 5.77 -5.36
N HIS A 51 2.43 5.33 -4.59
CA HIS A 51 2.53 4.29 -3.56
C HIS A 51 2.36 2.94 -4.23
N LEU A 52 3.48 2.21 -4.29
CA LEU A 52 3.57 0.96 -5.04
C LEU A 52 3.40 -0.22 -4.14
N HIS A 53 2.19 -0.79 -4.21
CA HIS A 53 1.83 -1.98 -3.41
C HIS A 53 2.17 -3.21 -4.25
N PHE A 54 3.44 -3.63 -4.18
CA PHE A 54 4.02 -4.70 -5.04
C PHE A 54 4.11 -6.07 -4.39
N SER A 55 3.73 -6.15 -3.09
CA SER A 55 3.89 -7.38 -2.33
C SER A 55 2.56 -7.67 -1.56
N ASP A 56 1.99 -8.85 -1.79
CA ASP A 56 0.78 -9.25 -1.06
C ASP A 56 0.71 -10.77 -1.08
N HIS A 57 -0.44 -11.36 -0.83
CA HIS A 57 -0.54 -12.81 -0.85
C HIS A 57 -0.28 -13.45 -2.20
N GLU A 58 -0.73 -12.80 -3.27
CA GLU A 58 -0.78 -13.41 -4.57
C GLU A 58 0.56 -13.32 -5.31
N ASN A 59 1.34 -12.27 -5.03
CA ASN A 59 2.62 -12.10 -5.70
C ASN A 59 3.54 -11.09 -5.01
N TYR A 60 4.84 -11.19 -5.33
CA TYR A 60 5.87 -10.23 -4.97
C TYR A 60 6.39 -9.80 -6.35
N ALA A 61 6.05 -8.59 -6.76
CA ALA A 61 6.11 -8.21 -8.16
C ALA A 61 7.35 -7.43 -8.61
N ILE A 62 8.46 -7.55 -7.88
CA ILE A 62 9.75 -6.98 -8.29
C ILE A 62 10.85 -7.98 -8.11
N GLU A 63 11.95 -7.74 -8.82
CA GLU A 63 13.12 -8.54 -8.72
C GLU A 63 13.73 -8.48 -7.30
N SER A 64 14.39 -9.58 -6.94
CA SER A 64 14.99 -9.71 -5.59
C SER A 64 16.17 -10.68 -5.58
N HIS A 65 17.33 -10.19 -5.12
CA HIS A 65 18.45 -11.08 -4.73
C HIS A 65 18.10 -11.92 -3.49
N LEU A 66 17.57 -11.27 -2.46
CA LEU A 66 17.30 -11.96 -1.18
C LEU A 66 16.29 -13.09 -1.31
N LEU A 67 15.25 -12.87 -2.10
CA LEU A 67 14.23 -13.91 -2.35
C LEU A 67 14.52 -14.75 -3.58
N ASN A 68 15.65 -14.47 -4.23
CA ASN A 68 16.14 -15.17 -5.40
C ASN A 68 15.10 -15.28 -6.54
N GLN A 69 14.59 -14.13 -6.96
CA GLN A 69 13.66 -13.96 -8.06
C GLN A 69 14.39 -13.07 -9.02
N ARG A 70 15.06 -13.69 -9.97
CA ARG A 70 16.02 -13.00 -10.80
C ARG A 70 15.57 -13.02 -12.27
N ALA A 71 15.81 -11.89 -12.94
CA ALA A 71 15.46 -11.72 -14.35
C ALA A 71 16.13 -12.78 -15.24
N GLU A 72 17.36 -13.11 -14.91
CA GLU A 72 18.07 -14.10 -15.65
C GLU A 72 17.43 -15.49 -15.54
N ASN A 73 16.70 -15.76 -14.44
CA ASN A 73 16.02 -17.07 -14.18
C ASN A 73 14.62 -17.14 -14.79
N ALA A 74 14.14 -16.01 -15.31
CA ALA A 74 12.76 -15.84 -15.71
C ALA A 74 12.52 -16.19 -17.19
N VAL A 75 11.28 -16.45 -17.55
CA VAL A 75 10.88 -16.48 -18.96
C VAL A 75 10.33 -15.10 -19.33
N GLN A 76 10.89 -14.45 -20.35
CA GLN A 76 10.42 -13.14 -20.74
C GLN A 76 9.41 -13.28 -21.88
N GLY A 77 8.28 -12.61 -21.72
CA GLY A 77 7.22 -12.63 -22.73
C GLY A 77 7.55 -11.67 -23.83
N LYS A 78 6.77 -11.73 -24.91
CA LYS A 78 6.97 -10.82 -26.05
C LYS A 78 6.75 -9.38 -25.64
N ASP A 79 5.94 -9.18 -24.60
CA ASP A 79 5.70 -7.87 -24.05
C ASP A 79 6.85 -7.38 -23.14
N GLY A 80 7.93 -8.13 -23.04
CA GLY A 80 9.07 -7.68 -22.22
C GLY A 80 8.89 -8.02 -20.76
N ILE A 81 7.77 -8.64 -20.40
CA ILE A 81 7.48 -8.89 -18.96
C ILE A 81 8.07 -10.25 -18.50
N TYR A 82 8.87 -10.22 -17.43
CA TYR A 82 9.53 -11.38 -16.86
C TYR A 82 8.55 -12.19 -15.98
N ILE A 83 8.54 -13.51 -16.18
CA ILE A 83 7.69 -14.42 -15.46
C ILE A 83 8.57 -15.37 -14.65
N ASN A 84 8.35 -15.41 -13.35
CA ASN A 84 9.10 -16.35 -12.51
C ASN A 84 8.60 -17.77 -12.87
N PRO A 85 9.46 -18.65 -13.42
CA PRO A 85 8.88 -19.91 -13.85
C PRO A 85 8.39 -20.80 -12.69
N TYR A 86 8.84 -20.57 -11.45
CA TYR A 86 8.36 -21.39 -10.33
C TYR A 86 7.00 -20.95 -9.84
N THR A 87 6.82 -19.64 -9.69
CA THR A 87 5.56 -19.12 -9.23
C THR A 87 4.58 -18.91 -10.34
N GLY A 88 5.10 -18.83 -11.55
CA GLY A 88 4.28 -18.50 -12.71
C GLY A 88 3.77 -17.05 -12.75
N LYS A 89 4.37 -16.17 -11.96
CA LYS A 89 3.87 -14.78 -11.79
C LYS A 89 4.90 -13.78 -12.29
N PRO A 90 4.44 -12.58 -12.73
CA PRO A 90 5.33 -11.55 -13.25
C PRO A 90 6.08 -10.72 -12.23
N PHE A 91 7.24 -10.21 -12.61
CA PHE A 91 7.92 -9.23 -11.76
C PHE A 91 8.67 -8.23 -12.60
N LEU A 92 8.86 -7.04 -12.04
CA LEU A 92 9.63 -5.98 -12.71
C LEU A 92 11.08 -6.26 -12.48
N SER A 93 11.87 -6.24 -13.55
CA SER A 93 13.29 -6.36 -13.43
C SER A 93 13.88 -5.08 -12.84
N TYR A 94 15.10 -5.19 -12.31
CA TYR A 94 15.81 -4.00 -11.84
C TYR A 94 16.02 -2.93 -12.94
N ARG A 95 16.32 -3.36 -14.16
CA ARG A 95 16.43 -2.42 -15.30
C ARG A 95 15.12 -1.71 -15.59
N GLN A 96 14.03 -2.47 -15.58
CA GLN A 96 12.70 -1.90 -15.69
C GLN A 96 12.38 -0.91 -14.58
N LEU A 97 12.72 -1.27 -13.34
CA LEU A 97 12.49 -0.37 -12.22
C LEU A 97 13.34 0.89 -12.32
N ASP A 98 14.57 0.76 -12.80
CA ASP A 98 15.45 1.93 -12.99
C ASP A 98 14.91 2.89 -14.07
N ASP A 99 14.31 2.33 -15.11
CA ASP A 99 13.60 3.10 -16.13
C ASP A 99 12.36 3.86 -15.51
N ILE A 100 11.57 3.17 -14.67
CA ILE A 100 10.42 3.81 -14.01
C ILE A 100 10.88 4.91 -13.04
N LYS A 101 11.95 4.64 -12.28
CA LYS A 101 12.51 5.54 -11.29
C LYS A 101 12.95 6.85 -11.93
N ALA A 102 13.73 6.73 -13.01
CA ALA A 102 14.17 7.91 -13.80
C ALA A 102 12.96 8.74 -14.30
N TYR A 103 11.93 8.05 -14.77
CA TYR A 103 10.80 8.71 -15.36
C TYR A 103 10.05 9.47 -14.25
N ALA A 104 9.81 8.78 -13.11
CA ALA A 104 9.14 9.38 -11.93
C ALA A 104 9.83 10.62 -11.43
N LYS A 105 11.14 10.46 -11.23
CA LYS A 105 11.99 11.50 -10.74
C LYS A 105 11.93 12.75 -11.65
N ALA A 106 12.04 12.59 -12.95
CA ALA A 106 11.90 13.72 -13.84
C ALA A 106 10.51 14.34 -13.78
N LYS A 107 9.50 13.57 -13.40
CA LYS A 107 8.15 14.14 -13.31
C LYS A 107 7.82 14.64 -11.91
N GLY A 108 8.78 14.55 -10.99
CA GLY A 108 8.58 15.05 -9.65
C GLY A 108 7.66 14.14 -8.83
N ILE A 109 7.55 12.88 -9.24
CA ILE A 109 6.71 11.90 -8.54
C ILE A 109 7.57 10.97 -7.68
N GLU A 110 7.38 11.12 -6.39
CA GLU A 110 7.94 10.23 -5.39
C GLU A 110 7.38 8.81 -5.50
N LEU A 111 8.25 7.83 -5.41
CA LEU A 111 7.86 6.40 -5.36
C LEU A 111 7.88 5.96 -3.90
N ILE A 112 6.77 5.43 -3.41
CA ILE A 112 6.71 4.95 -2.06
C ILE A 112 6.52 3.43 -2.14
N PRO A 113 7.59 2.66 -1.90
CA PRO A 113 7.38 1.20 -1.87
C PRO A 113 6.62 0.78 -0.62
N GLU A 114 5.78 -0.28 -0.75
CA GLU A 114 5.09 -0.89 0.37
C GLU A 114 5.47 -2.34 0.46
N LEU A 115 6.16 -2.68 1.55
CA LEU A 115 6.46 -4.06 1.88
C LEU A 115 5.55 -4.41 3.03
N ASP A 116 4.41 -5.04 2.72
CA ASP A 116 3.36 -5.22 3.70
C ASP A 116 3.73 -6.38 4.65
N SER A 117 3.38 -6.17 5.91
CA SER A 117 3.56 -7.13 6.99
C SER A 117 2.78 -6.59 8.18
N PRO A 118 2.48 -7.47 9.18
CA PRO A 118 2.83 -8.88 9.27
C PRO A 118 1.97 -9.84 8.47
N ASN A 119 0.82 -9.38 7.98
CA ASN A 119 -0.04 -10.19 7.10
C ASN A 119 0.26 -9.81 5.63
N HIS A 120 -0.60 -10.21 4.68
CA HIS A 120 -0.49 -9.75 3.29
C HIS A 120 0.94 -9.98 2.75
N MET A 121 1.51 -11.15 3.05
CA MET A 121 2.89 -11.43 2.64
C MET A 121 3.15 -12.85 2.22
N THR A 122 2.11 -13.55 1.78
CA THR A 122 2.27 -14.95 1.38
C THR A 122 3.24 -15.15 0.23
N ALA A 123 3.28 -14.25 -0.74
CA ALA A 123 4.19 -14.42 -1.87
C ALA A 123 5.65 -14.46 -1.38
N ILE A 124 5.98 -13.58 -0.46
CA ILE A 124 7.30 -13.60 0.18
C ILE A 124 7.57 -14.96 0.83
N PHE A 125 6.62 -15.45 1.62
CA PHE A 125 6.77 -16.79 2.25
C PHE A 125 7.06 -17.87 1.18
N LYS A 126 6.31 -17.83 0.09
CA LYS A 126 6.47 -18.85 -0.92
C LYS A 126 7.85 -18.77 -1.59
N LEU A 127 8.38 -17.57 -1.84
CA LEU A 127 9.76 -17.45 -2.37
C LEU A 127 10.85 -17.90 -1.39
N VAL A 128 10.68 -17.53 -0.11
CA VAL A 128 11.56 -17.98 0.97
C VAL A 128 11.57 -19.52 1.09
N GLN A 129 10.38 -20.10 1.12
CA GLN A 129 10.28 -21.55 1.14
C GLN A 129 11.05 -22.21 0.01
N LYS A 130 10.90 -21.72 -1.20
CA LYS A 130 11.58 -22.33 -2.38
C LYS A 130 13.11 -22.18 -2.24
N ASP A 131 13.55 -20.97 -1.91
CA ASP A 131 14.97 -20.71 -1.88
C ASP A 131 15.70 -21.19 -0.63
N ARG A 132 15.11 -20.96 0.53
CA ARG A 132 15.76 -21.29 1.79
C ARG A 132 15.18 -22.56 2.42
N GLY A 133 14.02 -23.01 1.98
CA GLY A 133 13.43 -24.26 2.51
C GLY A 133 12.30 -24.04 3.50
N VAL A 134 11.48 -25.07 3.70
CA VAL A 134 10.30 -24.94 4.53
C VAL A 134 10.65 -24.80 6.00
N LYS A 135 11.68 -25.49 6.53
CA LYS A 135 11.97 -25.35 7.96
C LYS A 135 12.42 -23.92 8.31
N TYR A 136 13.23 -23.34 7.43
CA TYR A 136 13.62 -21.94 7.57
C TYR A 136 12.38 -21.02 7.65
N LEU A 137 11.51 -21.12 6.64
CA LEU A 137 10.28 -20.32 6.60
C LEU A 137 9.42 -20.49 7.88
N GLN A 138 9.20 -21.73 8.30
CA GLN A 138 8.34 -21.96 9.48
C GLN A 138 8.95 -21.29 10.71
N GLY A 139 10.28 -21.17 10.78
CA GLY A 139 10.91 -20.53 11.92
C GLY A 139 10.70 -19.02 12.03
N LEU A 140 10.31 -18.39 10.93
CA LEU A 140 10.08 -16.96 10.89
C LEU A 140 8.65 -16.62 11.15
N LYS A 141 7.77 -17.58 10.90
CA LYS A 141 6.33 -17.40 11.10
C LYS A 141 5.87 -17.38 12.53
N SER A 142 4.71 -16.72 12.75
CA SER A 142 3.98 -16.81 13.98
C SER A 142 3.68 -18.29 14.22
N ARG A 143 3.76 -18.75 15.46
CA ARG A 143 3.37 -20.15 15.75
C ARG A 143 1.84 -20.26 15.84
N GLN A 144 1.23 -19.10 16.06
CA GLN A 144 -0.19 -18.97 16.37
C GLN A 144 -1.08 -18.79 15.11
N VAL A 145 -0.60 -18.02 14.15
CA VAL A 145 -1.30 -17.81 12.89
C VAL A 145 -0.32 -18.09 11.76
N ASP A 146 -0.76 -18.89 10.81
CA ASP A 146 0.10 -19.33 9.72
C ASP A 146 0.20 -18.36 8.53
N ASP A 147 -0.47 -17.22 8.61
CA ASP A 147 -0.39 -16.25 7.52
C ASP A 147 0.36 -14.96 7.93
N GLU A 148 1.12 -15.04 9.02
CA GLU A 148 1.86 -13.86 9.46
C GLU A 148 3.28 -14.18 9.94
N ILE A 149 4.16 -13.21 9.70
CA ILE A 149 5.49 -13.24 10.26
C ILE A 149 5.36 -13.13 11.77
N ASP A 150 6.33 -13.70 12.50
CA ASP A 150 6.33 -13.57 13.95
C ASP A 150 6.91 -12.27 14.41
N ILE A 151 6.05 -11.32 14.75
CA ILE A 151 6.52 -9.94 15.10
C ILE A 151 7.29 -9.86 16.45
N THR A 152 7.28 -10.96 17.17
CA THR A 152 8.00 -11.09 18.45
C THR A 152 9.38 -11.70 18.32
N ASN A 153 9.65 -12.34 17.18
CA ASN A 153 10.91 -13.03 16.95
C ASN A 153 11.99 -12.07 16.36
N ALA A 154 13.08 -11.89 17.10
CA ALA A 154 14.15 -11.02 16.67
C ALA A 154 14.65 -11.40 15.27
N ASP A 155 14.68 -12.70 15.00
CA ASP A 155 15.16 -13.23 13.75
C ASP A 155 14.24 -12.84 12.60
N SER A 156 12.94 -12.83 12.90
CA SER A 156 11.93 -12.38 11.97
C SER A 156 12.05 -10.93 11.65
N ILE A 157 12.36 -10.13 12.68
CA ILE A 157 12.62 -8.70 12.49
C ILE A 157 13.88 -8.44 11.66
N THR A 158 14.95 -9.16 11.99
CA THR A 158 16.18 -9.10 11.21
C THR A 158 15.91 -9.46 9.72
N PHE A 159 15.20 -10.54 9.48
CA PHE A 159 14.84 -10.93 8.13
C PHE A 159 14.09 -9.82 7.36
N MET A 160 13.04 -9.28 7.99
CA MET A 160 12.24 -8.21 7.44
C MET A 160 13.10 -7.03 7.07
N GLN A 161 13.99 -6.66 7.99
CA GLN A 161 14.86 -5.55 7.80
C GLN A 161 15.87 -5.79 6.66
N SER A 162 16.39 -7.00 6.53
CA SER A 162 17.25 -7.34 5.38
C SER A 162 16.52 -7.15 4.03
N LEU A 163 15.23 -7.50 3.95
CA LEU A 163 14.42 -7.31 2.73
C LEU A 163 14.10 -5.82 2.55
N MET A 164 13.76 -5.15 3.65
CA MET A 164 13.59 -3.69 3.57
C MET A 164 14.82 -2.98 3.01
N SER A 165 16.01 -3.38 3.47
CA SER A 165 17.26 -2.78 2.94
C SER A 165 17.43 -2.94 1.43
N GLU A 166 17.09 -4.14 0.92
CA GLU A 166 17.12 -4.39 -0.51
C GLU A 166 16.12 -3.50 -1.26
N VAL A 167 14.90 -3.42 -0.74
CA VAL A 167 13.85 -2.57 -1.36
C VAL A 167 14.25 -1.09 -1.37
N ILE A 168 14.83 -0.66 -0.26
CA ILE A 168 15.39 0.69 -0.17
C ILE A 168 16.47 0.93 -1.22
N ASP A 169 17.40 -0.01 -1.36
CA ASP A 169 18.44 0.07 -2.38
C ASP A 169 17.89 0.14 -3.83
N ILE A 170 16.88 -0.66 -4.10
CA ILE A 170 16.20 -0.66 -5.40
C ILE A 170 15.56 0.70 -5.77
N PHE A 171 14.79 1.29 -4.86
CA PHE A 171 14.11 2.55 -5.13
C PHE A 171 15.05 3.76 -5.00
N GLY A 172 16.08 3.61 -4.17
CA GLY A 172 17.08 4.66 -3.95
C GLY A 172 16.45 6.05 -3.72
N ASP A 173 17.03 7.10 -4.33
CA ASP A 173 16.60 8.49 -4.02
C ASP A 173 15.26 8.93 -4.62
N THR A 174 14.53 8.01 -5.27
CA THR A 174 13.18 8.32 -5.75
C THR A 174 12.17 8.29 -4.61
N SER A 175 12.61 7.84 -3.42
CA SER A 175 11.73 7.53 -2.32
C SER A 175 12.18 8.25 -1.07
N GLN A 176 11.28 9.02 -0.45
CA GLN A 176 11.52 9.60 0.87
C GLN A 176 10.69 8.98 2.01
N HIS A 177 9.80 8.06 1.62
CA HIS A 177 8.94 7.37 2.56
C HIS A 177 8.92 5.92 2.18
N PHE A 178 8.80 5.06 3.18
CA PHE A 178 8.66 3.61 2.95
C PHE A 178 7.44 3.17 3.72
N HIS A 179 6.56 2.41 3.05
CA HIS A 179 5.31 2.00 3.65
C HIS A 179 5.48 0.59 4.20
N ILE A 180 5.30 0.48 5.52
CA ILE A 180 5.45 -0.78 6.23
C ILE A 180 4.17 -1.64 6.36
N GLY A 181 3.12 -1.25 5.66
CA GLY A 181 1.89 -1.98 5.66
C GLY A 181 1.17 -1.84 6.97
N GLY A 182 0.88 -2.99 7.60
CA GLY A 182 0.20 -3.01 8.88
C GLY A 182 -1.33 -3.07 8.81
N ASP A 183 -1.86 -3.60 7.70
CA ASP A 183 -3.29 -3.81 7.54
C ASP A 183 -3.72 -5.24 7.76
N GLU A 184 -4.91 -5.35 8.36
CA GLU A 184 -5.67 -6.60 8.48
C GLU A 184 -4.86 -7.73 9.07
N PHE A 185 -4.20 -7.49 10.21
CA PHE A 185 -3.36 -8.49 10.83
C PHE A 185 -4.00 -8.83 12.18
N GLY A 186 -3.69 -10.04 12.67
CA GLY A 186 -4.15 -10.45 14.02
C GLY A 186 -5.65 -10.60 14.22
N TYR A 187 -6.38 -10.90 13.18
CA TYR A 187 -7.83 -10.89 13.28
C TYR A 187 -8.38 -11.96 14.24
N SER A 188 -7.70 -13.12 14.33
CA SER A 188 -8.13 -14.23 15.21
C SER A 188 -7.41 -14.22 16.57
N VAL A 189 -6.48 -13.28 16.74
CA VAL A 189 -5.61 -13.28 17.91
C VAL A 189 -5.48 -11.90 18.57
N GLU A 190 -4.90 -11.92 19.77
CA GLU A 190 -4.53 -10.74 20.52
C GLU A 190 -3.05 -10.55 20.23
N SER A 191 -2.71 -9.52 19.47
CA SER A 191 -1.30 -9.28 19.09
C SER A 191 -0.89 -7.81 19.15
N ASN A 192 -1.79 -6.94 19.59
CA ASN A 192 -1.63 -5.50 19.37
C ASN A 192 -0.44 -4.92 20.08
N HIS A 193 -0.20 -5.30 21.33
CA HIS A 193 0.90 -4.68 22.07
C HIS A 193 2.22 -4.94 21.39
N GLU A 194 2.46 -6.16 20.94
CA GLU A 194 3.73 -6.45 20.26
C GLU A 194 3.84 -5.76 18.90
N PHE A 195 2.69 -5.41 18.29
CA PHE A 195 2.70 -4.68 17.04
C PHE A 195 3.33 -3.30 17.22
N ILE A 196 3.04 -2.62 18.33
CA ILE A 196 3.63 -1.31 18.61
C ILE A 196 5.14 -1.42 18.58
N THR A 197 5.63 -2.43 19.28
CA THR A 197 7.06 -2.68 19.37
C THR A 197 7.66 -2.94 17.98
N TYR A 198 6.99 -3.77 17.21
CA TYR A 198 7.43 -4.19 15.88
C TYR A 198 7.44 -2.95 14.96
N ALA A 199 6.34 -2.23 14.91
CA ALA A 199 6.21 -1.09 14.00
C ALA A 199 7.22 0.01 14.41
N ASN A 200 7.39 0.22 15.70
CA ASN A 200 8.38 1.19 16.15
C ASN A 200 9.78 0.77 15.69
N LYS A 201 10.10 -0.50 15.80
CA LYS A 201 11.47 -0.97 15.42
C LYS A 201 11.75 -0.73 13.94
N LEU A 202 10.70 -0.97 13.16
CA LEU A 202 10.74 -0.74 11.70
C LEU A 202 10.93 0.75 11.39
N SER A 203 10.19 1.62 12.09
CA SER A 203 10.26 3.05 11.85
C SER A 203 11.63 3.63 12.18
N TYR A 204 12.24 3.20 13.29
CA TYR A 204 13.57 3.71 13.67
C TYR A 204 14.70 3.15 12.77
N PHE A 205 14.51 1.95 12.25
CA PHE A 205 15.42 1.38 11.26
C PHE A 205 15.34 2.23 9.98
N LEU A 206 14.14 2.56 9.54
CA LEU A 206 13.96 3.44 8.37
C LEU A 206 14.53 4.84 8.59
N GLU A 207 14.27 5.41 9.76
CA GLU A 207 14.80 6.71 10.16
C GLU A 207 16.32 6.72 10.00
N LYS A 208 17.00 5.68 10.46
CA LYS A 208 18.45 5.65 10.33
C LYS A 208 18.88 5.61 8.86
N LYS A 209 18.07 4.98 8.00
CA LYS A 209 18.27 4.97 6.55
C LYS A 209 17.86 6.28 5.85
N GLY A 210 17.39 7.28 6.59
CA GLY A 210 17.02 8.57 6.03
C GLY A 210 15.63 8.54 5.41
N LEU A 211 14.80 7.57 5.82
CA LEU A 211 13.45 7.45 5.34
C LEU A 211 12.38 7.61 6.44
N LYS A 212 11.31 8.30 6.08
CA LYS A 212 10.09 8.34 6.86
C LYS A 212 9.25 7.10 6.61
N THR A 213 8.40 6.81 7.58
CA THR A 213 7.55 5.63 7.59
C THR A 213 6.09 5.99 7.29
N ARG A 214 5.48 5.23 6.41
CA ARG A 214 4.05 5.23 6.19
C ARG A 214 3.48 3.88 6.68
N MET A 215 2.25 3.95 7.20
CA MET A 215 1.59 2.79 7.76
C MET A 215 0.08 2.88 7.71
N TRP A 216 -0.60 1.74 7.44
CA TRP A 216 -2.05 1.64 7.45
C TRP A 216 -2.56 1.89 8.91
N ASN A 217 -3.80 2.38 9.06
CA ASN A 217 -4.28 2.72 10.44
C ASN A 217 -4.75 1.58 11.33
N ASP A 218 -4.78 0.35 10.82
CA ASP A 218 -5.52 -0.72 11.43
C ASP A 218 -5.12 -1.00 12.89
N GLY A 219 -3.82 -0.89 13.18
CA GLY A 219 -3.27 -1.22 14.47
C GLY A 219 -3.25 -0.10 15.46
N LEU A 220 -3.88 1.02 15.10
CA LEU A 220 -3.90 2.20 15.94
C LEU A 220 -5.15 2.16 16.78
N ILE A 221 -4.96 1.75 18.05
CA ILE A 221 -6.07 1.64 18.97
C ILE A 221 -5.86 2.57 20.15
N LYS A 222 -6.95 2.92 20.83
CA LYS A 222 -6.89 3.86 21.97
C LYS A 222 -5.99 3.41 23.11
N ASN A 223 -5.96 2.10 23.38
CA ASN A 223 -5.17 1.53 24.47
C ASN A 223 -3.69 1.72 24.35
N THR A 224 -3.19 1.82 23.12
CA THR A 224 -1.74 1.73 22.85
C THR A 224 -1.17 2.78 21.87
N PHE A 225 -2.00 3.50 21.13
CA PHE A 225 -1.46 4.32 20.04
C PHE A 225 -0.49 5.40 20.46
N GLU A 226 -0.60 5.87 21.70
CA GLU A 226 0.29 6.87 22.20
C GLU A 226 1.71 6.34 22.39
N GLN A 227 1.93 5.02 22.27
CA GLN A 227 3.28 4.42 22.32
C GLN A 227 3.99 4.38 20.94
N ILE A 228 3.24 4.71 19.89
CA ILE A 228 3.75 4.67 18.51
C ILE A 228 4.61 5.87 18.29
N ASN A 229 5.70 5.68 17.56
CA ASN A 229 6.57 6.76 17.09
C ASN A 229 5.68 7.83 16.47
N PRO A 230 5.68 9.03 17.04
CA PRO A 230 4.74 10.00 16.49
C PRO A 230 5.11 10.52 15.13
N ASN A 231 6.31 10.18 14.62
CA ASN A 231 6.69 10.54 13.27
C ASN A 231 6.15 9.58 12.18
N ILE A 232 5.59 8.44 12.60
CA ILE A 232 5.07 7.51 11.59
C ILE A 232 3.87 8.18 10.98
N GLU A 233 3.78 8.10 9.65
CA GLU A 233 2.73 8.79 8.91
C GLU A 233 1.65 7.80 8.52
N ILE A 234 0.39 8.16 8.77
CA ILE A 234 -0.70 7.22 8.66
C ILE A 234 -1.48 7.36 7.35
N THR A 235 -1.66 6.23 6.66
CA THR A 235 -2.59 6.10 5.53
C THR A 235 -3.90 5.50 6.01
N TYR A 236 -4.89 6.37 6.25
CA TYR A 236 -6.13 6.06 6.98
C TYR A 236 -7.24 5.68 6.02
N TRP A 237 -7.54 4.40 5.95
CA TRP A 237 -8.45 3.88 4.93
C TRP A 237 -9.87 3.55 5.39
N SER A 238 -10.00 3.12 6.65
CA SER A 238 -11.29 2.79 7.24
C SER A 238 -11.19 2.77 8.77
N TYR A 239 -12.25 3.25 9.42
CA TYR A 239 -12.39 3.14 10.88
C TYR A 239 -12.50 1.69 11.33
N ASP A 240 -13.04 0.82 10.49
CA ASP A 240 -13.42 -0.53 10.93
C ASP A 240 -13.08 -1.67 9.99
N GLY A 241 -12.16 -1.41 9.07
CA GLY A 241 -11.70 -2.43 8.17
C GLY A 241 -12.73 -2.82 7.15
N ASP A 242 -13.75 -1.97 7.01
CA ASP A 242 -14.88 -2.24 6.13
C ASP A 242 -15.51 -3.59 6.41
N THR A 243 -15.57 -3.97 7.67
CA THR A 243 -16.26 -5.21 8.06
C THR A 243 -17.76 -5.07 7.79
N GLN A 244 -18.31 -6.17 7.30
CA GLN A 244 -19.72 -6.31 6.97
C GLN A 244 -20.53 -6.76 8.20
N ASP A 245 -19.82 -7.21 9.24
CA ASP A 245 -20.39 -7.57 10.55
C ASP A 245 -20.57 -6.36 11.48
N LYS A 246 -21.82 -5.94 11.71
CA LYS A 246 -22.09 -4.68 12.42
C LYS A 246 -21.67 -4.64 13.90
N ASN A 247 -21.62 -5.80 14.54
CA ASN A 247 -21.12 -5.91 15.91
C ASN A 247 -19.60 -5.71 15.94
N GLU A 248 -18.92 -6.33 14.97
CA GLU A 248 -17.50 -6.08 14.72
C GLU A 248 -17.19 -4.61 14.38
N ALA A 249 -17.95 -4.03 13.44
CA ALA A 249 -17.83 -2.59 13.16
C ALA A 249 -17.94 -1.73 14.43
N ALA A 250 -18.95 -2.00 15.27
CA ALA A 250 -19.13 -1.29 16.56
C ALA A 250 -17.96 -1.47 17.57
N GLU A 251 -17.45 -2.70 17.71
CA GLU A 251 -16.25 -2.91 18.56
C GLU A 251 -15.04 -2.13 18.04
N ARG A 252 -14.80 -2.24 16.74
CA ARG A 252 -13.61 -1.56 16.17
C ARG A 252 -13.71 -0.06 16.32
N ARG A 253 -14.90 0.50 16.13
CA ARG A 253 -15.07 1.94 16.26
C ARG A 253 -14.90 2.45 17.69
N ASP A 254 -15.15 1.58 18.66
CA ASP A 254 -14.96 1.90 20.06
C ASP A 254 -13.52 1.70 20.47
N MET A 255 -12.83 0.79 19.81
CA MET A 255 -11.47 0.45 20.21
C MET A 255 -10.43 1.26 19.43
N ARG A 256 -10.65 1.40 18.13
CA ARG A 256 -9.67 2.04 17.27
C ARG A 256 -9.68 3.56 17.42
N VAL A 257 -8.57 4.18 17.04
CA VAL A 257 -8.49 5.64 16.99
C VAL A 257 -9.15 6.17 15.68
N SER A 258 -9.91 7.25 15.80
CA SER A 258 -10.47 7.94 14.62
C SER A 258 -9.40 8.83 13.97
N LEU A 259 -9.66 9.24 12.73
CA LEU A 259 -8.77 10.12 12.04
C LEU A 259 -8.64 11.44 12.85
N PRO A 260 -9.77 12.05 13.30
CA PRO A 260 -9.60 13.26 14.07
C PRO A 260 -8.77 13.07 15.33
N GLU A 261 -8.94 11.93 15.99
CA GLU A 261 -8.15 11.65 17.20
C GLU A 261 -6.66 11.63 16.92
N LEU A 262 -6.29 11.11 15.75
CA LEU A 262 -4.90 11.09 15.32
C LEU A 262 -4.40 12.50 15.05
N LEU A 263 -5.24 13.29 14.37
CA LEU A 263 -4.88 14.69 14.06
C LEU A 263 -4.67 15.50 15.33
N ALA A 264 -5.55 15.25 16.30
CA ALA A 264 -5.47 15.93 17.61
C ALA A 264 -4.16 15.62 18.32
N LYS A 265 -3.65 14.39 18.18
CA LYS A 265 -2.35 14.02 18.71
C LYS A 265 -1.16 14.47 17.87
N GLY A 266 -1.36 15.10 16.74
CA GLY A 266 -0.22 15.58 15.97
C GLY A 266 0.28 14.69 14.83
N PHE A 267 -0.42 13.60 14.54
CA PHE A 267 0.03 12.71 13.48
C PHE A 267 -0.17 13.31 12.13
N THR A 268 0.79 13.02 11.24
CA THR A 268 0.58 13.15 9.81
C THR A 268 -0.37 12.05 9.37
N VAL A 269 -1.49 12.44 8.77
CA VAL A 269 -2.44 11.47 8.30
C VAL A 269 -2.89 11.82 6.87
N LEU A 270 -2.82 10.82 5.99
CA LEU A 270 -3.40 10.90 4.63
C LEU A 270 -4.69 10.13 4.59
N ASN A 271 -5.67 10.70 3.91
CA ASN A 271 -6.98 10.15 3.84
C ASN A 271 -7.07 9.20 2.64
N TYR A 272 -7.26 7.93 2.92
CA TYR A 272 -7.38 6.91 1.89
C TYR A 272 -8.82 6.38 1.81
N ASN A 273 -9.75 7.07 2.50
CA ASN A 273 -11.20 6.68 2.61
C ASN A 273 -11.63 5.67 1.57
N SER A 274 -11.82 4.42 1.99
CA SER A 274 -12.13 3.33 1.05
C SER A 274 -13.48 3.52 0.33
N TYR A 275 -14.43 4.20 0.94
CA TYR A 275 -15.69 4.40 0.21
C TYR A 275 -15.54 5.18 -1.09
N TYR A 276 -14.84 6.32 -1.06
CA TYR A 276 -14.67 7.17 -2.25
C TYR A 276 -13.38 6.92 -3.04
N LEU A 277 -12.38 6.41 -2.35
CA LEU A 277 -11.02 6.42 -2.86
C LEU A 277 -10.43 5.06 -3.15
N TYR A 278 -11.17 3.99 -2.90
CA TYR A 278 -10.80 2.63 -3.39
C TYR A 278 -11.60 2.36 -4.65
N ILE A 279 -10.91 1.83 -5.65
CA ILE A 279 -11.59 1.22 -6.78
C ILE A 279 -11.00 -0.19 -6.96
N VAL A 280 -11.89 -1.15 -7.26
CA VAL A 280 -11.53 -2.53 -7.48
C VAL A 280 -11.99 -2.94 -8.90
N PRO A 281 -11.15 -2.65 -9.89
CA PRO A 281 -11.61 -2.93 -11.24
C PRO A 281 -11.95 -4.38 -11.49
N LYS A 282 -13.06 -4.54 -12.20
CA LYS A 282 -13.58 -5.84 -12.59
C LYS A 282 -14.21 -5.69 -13.97
N ALA A 283 -13.80 -6.55 -14.89
CA ALA A 283 -14.38 -6.56 -16.22
C ALA A 283 -15.88 -6.90 -16.12
N SER A 284 -16.70 -6.18 -16.88
CA SER A 284 -18.14 -6.33 -16.87
C SER A 284 -18.65 -5.43 -17.96
N PRO A 285 -19.93 -5.64 -18.36
CA PRO A 285 -20.58 -4.72 -19.31
C PRO A 285 -20.58 -3.25 -18.88
N THR A 286 -20.51 -2.95 -17.58
CA THR A 286 -20.61 -1.52 -17.13
C THR A 286 -19.31 -0.96 -16.52
N PHE A 287 -18.17 -1.60 -16.76
CA PHE A 287 -16.94 -1.22 -16.05
C PHE A 287 -16.55 0.22 -16.35
N SER A 288 -16.55 0.54 -17.63
CA SER A 288 -16.15 1.85 -18.08
C SER A 288 -17.13 2.97 -17.65
N GLN A 289 -18.43 2.69 -17.67
CA GLN A 289 -19.47 3.62 -17.18
C GLN A 289 -19.37 3.87 -15.69
N ASP A 290 -19.27 2.78 -14.93
CA ASP A 290 -19.09 2.78 -13.46
C ASP A 290 -17.84 3.59 -13.03
N ALA A 291 -16.73 3.36 -13.71
CA ALA A 291 -15.50 4.11 -13.42
C ALA A 291 -15.72 5.60 -13.70
N ALA A 292 -16.38 5.91 -14.80
CA ALA A 292 -16.69 7.30 -15.15
C ALA A 292 -17.56 7.92 -14.07
N PHE A 293 -18.56 7.18 -13.63
CA PHE A 293 -19.46 7.68 -12.60
C PHE A 293 -18.71 7.91 -11.31
N ALA A 294 -17.81 6.99 -10.96
CA ALA A 294 -17.01 7.14 -9.72
C ALA A 294 -16.30 8.49 -9.65
N ALA A 295 -15.76 8.92 -10.79
CA ALA A 295 -15.08 10.19 -10.84
C ALA A 295 -16.06 11.34 -10.54
N LYS A 296 -17.23 11.30 -11.18
CA LYS A 296 -18.21 12.36 -10.99
C LYS A 296 -18.71 12.38 -9.54
N ASP A 297 -18.82 11.18 -8.97
CA ASP A 297 -19.29 11.00 -7.58
C ASP A 297 -18.30 11.63 -6.59
N VAL A 298 -17.00 11.40 -6.79
CA VAL A 298 -15.97 12.07 -5.99
C VAL A 298 -16.03 13.60 -6.18
N ILE A 299 -16.19 14.05 -7.40
CA ILE A 299 -16.24 15.48 -7.65
C ILE A 299 -17.42 16.13 -6.92
N LYS A 300 -18.59 15.50 -7.01
CA LYS A 300 -19.83 16.05 -6.44
C LYS A 300 -19.89 15.94 -4.90
N ASN A 301 -19.43 14.80 -4.39
CA ASN A 301 -19.74 14.34 -3.02
C ASN A 301 -18.54 14.15 -2.10
N TRP A 302 -17.32 14.02 -2.63
CA TRP A 302 -16.18 13.84 -1.74
C TRP A 302 -15.42 15.13 -1.49
N ASP A 303 -14.94 15.30 -0.26
CA ASP A 303 -13.90 16.30 0.01
C ASP A 303 -12.92 15.74 1.01
N LEU A 304 -11.79 16.43 1.14
CA LEU A 304 -10.66 15.87 1.88
C LEU A 304 -11.02 15.54 3.36
N GLY A 305 -12.01 16.22 3.91
CA GLY A 305 -12.39 16.05 5.30
C GLY A 305 -13.34 14.91 5.59
N VAL A 306 -13.85 14.32 4.52
CA VAL A 306 -14.71 13.21 4.61
C VAL A 306 -13.81 12.01 4.64
N TRP A 307 -13.70 11.39 5.83
CA TRP A 307 -12.75 10.27 6.07
C TRP A 307 -13.45 8.98 6.44
N ASP A 308 -14.64 9.05 7.04
CA ASP A 308 -15.31 7.86 7.58
C ASP A 308 -16.33 7.30 6.58
N GLY A 309 -15.80 6.59 5.59
CA GLY A 309 -16.60 6.05 4.50
C GLY A 309 -17.45 7.16 3.89
N ARG A 310 -18.73 6.88 3.67
CA ARG A 310 -19.66 7.94 3.23
C ARG A 310 -20.22 8.82 4.33
N ASN A 311 -19.81 8.61 5.58
CA ASN A 311 -20.38 9.35 6.72
C ASN A 311 -19.87 10.78 6.80
N THR A 312 -20.79 11.75 6.88
CA THR A 312 -20.41 13.16 6.89
C THR A 312 -20.53 13.80 8.28
N LYS A 313 -21.05 13.08 9.27
CA LYS A 313 -21.27 13.67 10.60
C LYS A 313 -20.00 13.94 11.41
N ASN A 314 -18.95 13.16 11.15
CA ASN A 314 -17.66 13.33 11.85
C ASN A 314 -16.58 13.94 10.96
N ARG A 315 -17.00 14.57 9.88
CA ARG A 315 -16.06 15.09 8.91
C ARG A 315 -15.17 16.14 9.52
N VAL A 316 -14.01 16.32 8.92
CA VAL A 316 -13.06 17.32 9.38
C VAL A 316 -13.35 18.61 8.63
N GLN A 317 -13.60 19.69 9.37
CA GLN A 317 -13.86 21.00 8.76
C GLN A 317 -12.56 21.74 8.53
N ASN A 318 -11.64 21.60 9.48
CA ASN A 318 -10.27 22.09 9.36
C ASN A 318 -9.35 21.18 8.51
N THR A 319 -9.59 21.11 7.21
CA THR A 319 -8.81 20.17 6.36
C THR A 319 -7.31 20.52 6.20
N HIS A 320 -6.88 21.74 6.54
CA HIS A 320 -5.44 22.10 6.55
C HIS A 320 -4.55 21.10 7.33
N GLU A 321 -5.16 20.44 8.31
CA GLU A 321 -4.45 19.44 9.14
C GLU A 321 -4.25 18.06 8.48
N ILE A 322 -5.03 17.79 7.44
CA ILE A 322 -4.96 16.51 6.74
C ILE A 322 -3.86 16.63 5.70
N ALA A 323 -2.91 15.72 5.74
CA ALA A 323 -1.66 15.87 5.00
C ALA A 323 -1.87 15.62 3.47
N GLY A 324 -2.94 14.92 3.11
CA GLY A 324 -3.14 14.50 1.72
C GLY A 324 -4.13 13.34 1.58
N ALA A 325 -4.04 12.64 0.44
CA ALA A 325 -5.02 11.62 0.04
C ALA A 325 -4.52 10.87 -1.14
N ALA A 326 -5.04 9.68 -1.33
CA ALA A 326 -4.71 8.89 -2.53
C ALA A 326 -5.90 8.13 -3.02
N LEU A 327 -5.98 7.96 -4.33
CA LEU A 327 -6.79 6.90 -4.95
C LEU A 327 -6.03 5.59 -4.84
N SER A 328 -6.71 4.54 -4.43
CA SER A 328 -6.16 3.19 -4.42
C SER A 328 -6.86 2.32 -5.46
N ILE A 329 -6.09 1.71 -6.37
CA ILE A 329 -6.61 0.80 -7.38
C ILE A 329 -6.15 -0.59 -7.01
N TRP A 330 -7.08 -1.37 -6.52
CA TRP A 330 -6.83 -2.69 -6.03
C TRP A 330 -7.15 -3.70 -7.10
N GLY A 331 -6.34 -4.78 -7.08
CA GLY A 331 -6.21 -5.71 -8.20
C GLY A 331 -6.96 -7.02 -8.16
N GLU A 332 -7.60 -7.33 -7.04
CA GLU A 332 -8.20 -8.68 -6.77
C GLU A 332 -9.09 -9.21 -7.87
N ASP A 333 -9.87 -8.32 -8.45
CA ASP A 333 -11.00 -8.71 -9.30
C ASP A 333 -10.71 -8.46 -10.79
N ALA A 334 -9.49 -7.99 -11.08
CA ALA A 334 -9.17 -7.42 -12.40
C ALA A 334 -8.61 -8.46 -13.41
N LYS A 335 -8.76 -9.76 -13.14
CA LYS A 335 -8.12 -10.75 -13.98
C LYS A 335 -8.44 -10.65 -15.49
N ALA A 336 -9.66 -10.29 -15.84
CA ALA A 336 -10.02 -10.24 -17.25
C ALA A 336 -9.80 -8.86 -17.85
N LEU A 337 -9.16 -7.94 -17.12
CA LEU A 337 -8.87 -6.63 -17.67
C LEU A 337 -7.39 -6.46 -17.91
N LYS A 338 -7.06 -5.76 -19.01
CA LYS A 338 -5.71 -5.36 -19.27
C LYS A 338 -5.29 -4.12 -18.50
N ASP A 339 -4.01 -4.09 -18.17
CA ASP A 339 -3.41 -2.99 -17.46
C ASP A 339 -3.78 -1.64 -18.11
N GLU A 340 -3.59 -1.53 -19.42
CA GLU A 340 -3.93 -0.30 -20.13
C GLU A 340 -5.42 0.08 -20.05
N THR A 341 -6.33 -0.90 -20.08
CA THR A 341 -7.77 -0.62 -19.92
C THR A 341 -8.04 -0.03 -18.54
N ILE A 342 -7.41 -0.62 -17.54
CA ILE A 342 -7.56 -0.11 -16.17
C ILE A 342 -7.07 1.34 -16.06
N GLN A 343 -5.87 1.57 -16.58
CA GLN A 343 -5.31 2.90 -16.55
C GLN A 343 -6.19 3.93 -17.27
N LYS A 344 -6.61 3.64 -18.50
CA LYS A 344 -7.40 4.62 -19.26
C LYS A 344 -8.74 4.92 -18.58
N ASN A 345 -9.36 3.88 -18.02
CA ASN A 345 -10.67 4.06 -17.37
C ASN A 345 -10.65 4.72 -15.99
N THR A 346 -9.51 4.68 -15.30
CA THR A 346 -9.43 5.27 -13.95
C THR A 346 -8.84 6.67 -13.97
N LYS A 347 -8.45 7.15 -15.14
CA LYS A 347 -7.83 8.46 -15.28
C LYS A 347 -8.68 9.59 -14.72
N SER A 348 -9.94 9.65 -15.14
CA SER A 348 -10.84 10.70 -14.65
C SER A 348 -10.93 10.70 -13.13
N LEU A 349 -10.97 9.50 -12.53
CA LEU A 349 -11.16 9.36 -11.12
C LEU A 349 -9.89 9.79 -10.40
N LEU A 350 -8.75 9.40 -10.94
CA LEU A 350 -7.47 9.79 -10.32
C LEU A 350 -7.27 11.30 -10.37
N GLU A 351 -7.57 11.91 -11.52
CA GLU A 351 -7.57 13.36 -11.64
C GLU A 351 -8.45 14.06 -10.61
N ALA A 352 -9.66 13.56 -10.46
CA ALA A 352 -10.65 14.12 -9.51
C ALA A 352 -10.15 14.05 -8.06
N VAL A 353 -9.62 12.91 -7.67
CA VAL A 353 -9.11 12.76 -6.30
C VAL A 353 -7.96 13.76 -6.01
N ILE A 354 -7.05 13.90 -6.97
CA ILE A 354 -5.90 14.80 -6.85
C ILE A 354 -6.39 16.25 -6.80
N HIS A 355 -7.26 16.63 -7.72
CA HIS A 355 -7.78 17.98 -7.75
C HIS A 355 -8.62 18.30 -6.52
N LYS A 356 -9.49 17.40 -6.10
CA LYS A 356 -10.30 17.63 -4.90
C LYS A 356 -9.47 17.73 -3.65
N THR A 357 -8.34 17.03 -3.62
CA THR A 357 -7.45 17.06 -2.47
C THR A 357 -6.67 18.40 -2.43
N ASN A 358 -6.07 18.74 -3.55
CA ASN A 358 -5.34 20.00 -3.65
C ASN A 358 -6.25 21.23 -3.72
N GLY A 359 -7.48 21.07 -4.18
CA GLY A 359 -8.45 22.19 -4.26
C GLY A 359 -8.53 22.78 -5.65
#